data_5CUW
#
_entry.id   5CUW
#
_cell.length_a   53.110
_cell.length_b   104.300
_cell.length_c   79.020
_cell.angle_alpha   90.000
_cell.angle_beta   90.000
_cell.angle_gamma   90.000
#
_symmetry.space_group_name_H-M   'C 2 2 21'
#
loop_
_entity.id
_entity.type
_entity.pdbx_description
1 polymer SrtE1
2 non-polymer GLYCEROL
3 water water
#
_entity_poly.entity_id   1
_entity_poly.type   'polypeptide(L)'
_entity_poly.pdbx_seq_one_letter_code
;GSHMTNVRAHAQANQAASNLQDDWANGKRSPGSFEPGQGFALLHIPKLDVVVPIAEGISSKKVLDRGMVGHYAEDGLKTA
MPDAKAGNFGLAGHRNTHGEPFRYINKLEPGDPIVVETQDKYFVYKMASILPVTSPSNVSVLDPVPKQSGFKGPGRYITL
TTCTPEFTSKYRMIVWGKMVEERPRSKGKPDALVS
;
_entity_poly.pdbx_strand_id   A
#
loop_
_chem_comp.id
_chem_comp.type
_chem_comp.name
_chem_comp.formula
GOL non-polymer GLYCEROL 'C3 H8 O3'
#
# COMPACT_ATOMS: atom_id res chain seq x y z
N ALA A 11 -1.67 -15.22 -6.83
CA ALA A 11 -0.37 -14.58 -6.95
C ALA A 11 -0.42 -13.10 -6.59
N GLN A 12 0.75 -12.49 -6.43
CA GLN A 12 0.85 -11.07 -6.14
C GLN A 12 1.37 -10.28 -7.34
N ALA A 13 1.54 -8.98 -7.18
CA ALA A 13 2.03 -8.12 -8.26
C ALA A 13 2.69 -6.85 -7.76
N PRO A 36 -13.06 -2.01 -11.16
CA PRO A 36 -13.23 -1.45 -12.50
C PRO A 36 -11.94 -0.89 -13.07
N GLY A 37 -11.10 -0.31 -12.22
CA GLY A 37 -9.91 0.39 -12.65
C GLY A 37 -10.10 1.88 -12.48
N GLN A 38 -11.03 2.22 -11.57
CA GLN A 38 -11.39 3.60 -11.28
C GLN A 38 -10.57 4.17 -10.12
N GLY A 39 -9.88 5.29 -10.36
CA GLY A 39 -9.04 5.93 -9.35
C GLY A 39 -9.86 6.62 -8.28
N PHE A 40 -9.64 6.26 -7.02
CA PHE A 40 -10.52 6.77 -5.97
C PHE A 40 -9.80 7.47 -4.83
N ALA A 41 -8.49 7.47 -4.84
CA ALA A 41 -7.76 8.14 -3.77
C ALA A 41 -6.36 8.49 -4.24
N LEU A 42 -5.62 9.19 -3.39
CA LEU A 42 -4.22 9.53 -3.64
C LEU A 42 -3.34 8.96 -2.53
N LEU A 43 -2.24 8.31 -2.90
CA LEU A 43 -1.27 7.82 -1.91
C LEU A 43 -0.07 8.78 -1.85
N HIS A 44 0.29 9.22 -0.64
CA HIS A 44 1.44 10.10 -0.46
C HIS A 44 2.49 9.39 0.40
N ILE A 45 3.73 9.39 -0.06
CA ILE A 45 4.83 8.92 0.78
C ILE A 45 5.91 9.99 0.70
N PRO A 46 5.84 10.97 1.62
CA PRO A 46 6.70 12.17 1.64
C PRO A 46 8.19 11.86 1.62
N LYS A 47 8.63 10.81 2.29
CA LYS A 47 10.06 10.52 2.32
C LYS A 47 10.57 10.15 0.93
N LEU A 48 9.70 9.54 0.13
CA LEU A 48 10.07 9.04 -1.19
C LEU A 48 9.68 9.99 -2.32
N ASP A 49 9.11 11.15 -1.98
CA ASP A 49 8.61 12.11 -2.97
C ASP A 49 7.61 11.46 -3.92
N VAL A 50 6.73 10.65 -3.34
CA VAL A 50 5.74 9.92 -4.10
C VAL A 50 4.34 10.49 -3.87
N VAL A 51 3.65 10.84 -4.95
CA VAL A 51 2.22 11.10 -4.93
C VAL A 51 1.62 10.36 -6.12
N VAL A 52 0.65 9.48 -5.85
CA VAL A 52 0.22 8.56 -6.89
C VAL A 52 -1.21 8.09 -6.64
N PRO A 53 -2.01 8.03 -7.71
CA PRO A 53 -3.42 7.67 -7.51
C PRO A 53 -3.57 6.20 -7.20
N ILE A 54 -4.57 5.86 -6.40
CA ILE A 54 -4.96 4.48 -6.15
C ILE A 54 -6.20 4.15 -6.95
N ALA A 55 -6.19 3.03 -7.67
CA ALA A 55 -7.37 2.62 -8.41
C ALA A 55 -7.83 1.26 -7.91
N GLU A 56 -9.07 0.88 -8.24
CA GLU A 56 -9.60 -0.39 -7.80
C GLU A 56 -9.08 -1.51 -8.70
N GLY A 57 -8.52 -2.56 -8.10
CA GLY A 57 -8.02 -3.68 -8.87
C GLY A 57 -6.55 -3.55 -9.21
N ILE A 58 -5.90 -4.66 -9.56
CA ILE A 58 -4.46 -4.60 -9.80
C ILE A 58 -4.07 -4.97 -11.23
N SER A 59 -5.01 -4.80 -12.15
CA SER A 59 -4.73 -5.01 -13.56
C SER A 59 -3.49 -4.26 -14.02
N SER A 60 -2.62 -4.94 -14.78
CA SER A 60 -1.44 -4.29 -15.32
C SER A 60 -1.83 -3.27 -16.36
N LYS A 61 -2.68 -3.67 -17.29
CA LYS A 61 -3.07 -2.81 -18.40
C LYS A 61 -3.88 -1.61 -17.94
N LYS A 62 -4.79 -1.80 -17.00
CA LYS A 62 -5.72 -0.73 -16.64
C LYS A 62 -5.25 0.12 -15.46
N VAL A 63 -4.32 -0.41 -14.66
CA VAL A 63 -3.92 0.26 -13.43
C VAL A 63 -2.40 0.45 -13.33
N LEU A 64 -1.64 -0.62 -13.07
CA LEU A 64 -0.20 -0.45 -12.83
C LEU A 64 0.54 0.14 -14.03
N ASP A 65 0.22 -0.28 -15.24
CA ASP A 65 0.89 0.28 -16.40
C ASP A 65 0.39 1.69 -16.72
N ARG A 66 -0.59 2.17 -15.97
CA ARG A 66 -1.09 3.52 -16.15
C ARG A 66 -0.44 4.44 -15.13
N GLY A 67 0.55 3.93 -14.43
CA GLY A 67 1.27 4.70 -13.43
C GLY A 67 0.53 4.83 -12.12
N MET A 68 -0.47 3.97 -11.88
CA MET A 68 -1.22 4.03 -10.63
C MET A 68 -0.89 2.85 -9.71
N VAL A 69 -1.22 2.95 -8.43
CA VAL A 69 -1.10 1.77 -7.59
C VAL A 69 -2.49 1.19 -7.44
N GLY A 70 -2.54 -0.12 -7.24
CA GLY A 70 -3.78 -0.87 -7.28
C GLY A 70 -4.18 -1.45 -5.95
N HIS A 71 -5.46 -1.29 -5.61
CA HIS A 71 -6.06 -1.91 -4.45
C HIS A 71 -6.50 -3.34 -4.77
N TYR A 72 -5.98 -4.32 -4.04
CA TYR A 72 -6.36 -5.71 -4.29
C TYR A 72 -7.87 -5.84 -4.11
N ALA A 73 -8.57 -6.24 -5.17
CA ALA A 73 -10.04 -6.20 -5.13
C ALA A 73 -10.75 -7.38 -5.78
N GLU A 74 -10.01 -8.33 -6.34
CA GLU A 74 -10.67 -9.46 -7.01
C GLU A 74 -10.09 -10.84 -6.66
N ASP A 75 -10.81 -11.89 -7.04
CA ASP A 75 -10.32 -13.26 -6.92
C ASP A 75 -10.09 -13.72 -5.49
N GLY A 76 -10.88 -13.19 -4.55
CA GLY A 76 -10.73 -13.56 -3.16
C GLY A 76 -9.67 -12.76 -2.43
N LEU A 77 -8.96 -11.90 -3.16
CA LEU A 77 -7.89 -11.09 -2.57
C LEU A 77 -8.38 -9.72 -2.12
N LYS A 78 -9.69 -9.49 -2.14
CA LYS A 78 -10.21 -8.18 -1.81
C LYS A 78 -9.93 -7.82 -0.37
N THR A 79 -9.31 -6.67 -0.14
CA THR A 79 -8.98 -6.28 1.22
C THR A 79 -9.90 -5.17 1.70
N ALA A 80 -9.83 -4.89 3.01
CA ALA A 80 -10.61 -3.82 3.62
C ALA A 80 -10.23 -2.44 3.07
N MET A 81 -11.14 -1.48 3.19
CA MET A 81 -10.84 -0.08 2.88
C MET A 81 -10.32 0.59 4.15
N PRO A 82 -9.68 1.76 4.02
CA PRO A 82 -9.10 2.37 5.22
C PRO A 82 -10.18 2.88 6.18
N ASP A 83 -11.39 3.14 5.70
CA ASP A 83 -12.41 3.66 6.60
C ASP A 83 -12.97 2.58 7.54
N ALA A 84 -12.69 1.31 7.27
CA ALA A 84 -13.09 0.22 8.17
C ALA A 84 -12.32 0.29 9.48
N LYS A 85 -13.03 0.11 10.60
CA LYS A 85 -12.41 0.22 11.92
C LYS A 85 -11.42 -0.89 12.21
N ALA A 86 -11.36 -1.89 11.34
CA ALA A 86 -10.27 -2.85 11.34
C ALA A 86 -10.15 -3.43 9.95
N GLY A 87 -8.92 -3.80 9.60
CA GLY A 87 -8.67 -4.39 8.30
C GLY A 87 -7.27 -4.13 7.79
N ASN A 88 -6.97 -4.71 6.64
CA ASN A 88 -5.66 -4.53 6.01
C ASN A 88 -5.84 -3.98 4.60
N PHE A 89 -5.48 -2.72 4.39
CA PHE A 89 -5.66 -2.06 3.08
C PHE A 89 -4.46 -2.44 2.21
N GLY A 90 -4.67 -3.33 1.24
CA GLY A 90 -3.58 -3.87 0.45
C GLY A 90 -3.40 -3.19 -0.91
N LEU A 91 -2.15 -2.86 -1.24
CA LEU A 91 -1.83 -2.11 -2.46
C LEU A 91 -0.62 -2.67 -3.20
N ALA A 92 -0.67 -2.65 -4.52
CA ALA A 92 0.43 -3.10 -5.36
C ALA A 92 0.86 -1.98 -6.30
N GLY A 93 2.17 -1.85 -6.48
CA GLY A 93 2.73 -0.85 -7.38
C GLY A 93 3.99 -1.32 -8.06
N HIS A 94 4.31 -0.73 -9.20
CA HIS A 94 5.52 -1.07 -9.94
C HIS A 94 6.79 -0.69 -9.18
N ARG A 95 7.82 -1.51 -9.34
CA ARG A 95 9.15 -1.21 -8.81
C ARG A 95 9.96 -0.38 -9.80
N ASN A 96 9.77 -0.62 -11.09
CA ASN A 96 10.72 -0.09 -12.09
C ASN A 96 10.22 0.61 -13.37
N THR A 97 8.92 0.69 -13.60
CA THR A 97 8.45 1.41 -14.78
C THR A 97 7.30 2.31 -14.42
N HIS A 98 6.79 3.04 -15.42
CA HIS A 98 5.60 3.87 -15.28
C HIS A 98 5.54 4.67 -13.98
N GLY A 99 6.55 5.48 -13.75
CA GLY A 99 6.56 6.34 -12.57
C GLY A 99 7.14 5.65 -11.36
N GLU A 100 7.27 4.33 -11.44
CA GLU A 100 7.87 3.47 -10.40
C GLU A 100 7.61 3.97 -8.99
N PRO A 101 6.32 3.98 -8.61
CA PRO A 101 5.95 4.50 -7.29
C PRO A 101 6.59 3.74 -6.12
N PHE A 102 6.77 2.42 -6.23
CA PHE A 102 7.31 1.66 -5.08
C PHE A 102 8.77 1.27 -5.24
N ARG A 103 9.47 1.94 -6.14
CA ARG A 103 10.88 1.60 -6.34
C ARG A 103 11.72 1.65 -5.06
N TYR A 104 11.44 2.60 -4.18
CA TYR A 104 12.28 2.74 -2.97
C TYR A 104 11.53 2.53 -1.66
N ILE A 105 10.48 1.71 -1.64
CA ILE A 105 9.77 1.51 -0.38
C ILE A 105 10.65 0.74 0.62
N ASN A 106 11.75 0.15 0.15
CA ASN A 106 12.67 -0.49 1.09
C ASN A 106 13.53 0.53 1.82
N LYS A 107 13.34 1.82 1.53
CA LYS A 107 14.09 2.85 2.24
C LYS A 107 13.25 3.44 3.38
N LEU A 108 12.02 2.99 3.50
CA LEU A 108 11.17 3.37 4.62
C LEU A 108 11.68 2.78 5.93
N GLU A 109 11.62 3.58 6.99
CA GLU A 109 12.03 3.18 8.33
C GLU A 109 10.85 3.31 9.27
N PRO A 110 10.86 2.56 10.38
CA PRO A 110 9.73 2.61 11.32
C PRO A 110 9.36 4.04 11.73
N GLY A 111 8.10 4.40 11.56
CA GLY A 111 7.67 5.74 11.88
C GLY A 111 7.45 6.65 10.68
N ASP A 112 8.01 6.27 9.53
CA ASP A 112 7.84 7.08 8.31
C ASP A 112 6.38 7.04 7.84
N PRO A 113 5.80 8.23 7.65
CA PRO A 113 4.38 8.30 7.29
C PRO A 113 4.05 7.89 5.86
N ILE A 114 2.87 7.26 5.74
CA ILE A 114 2.29 6.87 4.46
C ILE A 114 0.85 7.36 4.52
N VAL A 115 0.47 8.26 3.62
CA VAL A 115 -0.84 8.89 3.73
C VAL A 115 -1.78 8.54 2.59
N VAL A 116 -2.98 8.07 2.94
CA VAL A 116 -4.02 7.86 1.95
C VAL A 116 -5.03 8.98 2.02
N GLU A 117 -5.14 9.74 0.94
CA GLU A 117 -6.09 10.84 0.84
C GLU A 117 -7.33 10.45 0.04
N THR A 118 -8.49 10.53 0.67
CA THR A 118 -9.76 10.25 -0.02
C THR A 118 -10.54 11.54 -0.16
N GLN A 119 -11.75 11.46 -0.72
CA GLN A 119 -12.57 12.64 -0.89
C GLN A 119 -12.86 13.29 0.45
N ASP A 120 -13.07 12.45 1.46
CA ASP A 120 -13.57 12.91 2.75
C ASP A 120 -12.53 12.91 3.87
N LYS A 121 -11.48 12.09 3.77
CA LYS A 121 -10.54 11.95 4.89
C LYS A 121 -9.09 11.81 4.47
N TYR A 122 -8.20 12.10 5.41
CA TYR A 122 -6.80 11.70 5.33
C TYR A 122 -6.56 10.52 6.30
N PHE A 123 -5.99 9.44 5.79
CA PHE A 123 -5.61 8.32 6.64
C PHE A 123 -4.10 8.27 6.76
N VAL A 124 -3.58 8.54 7.95
CA VAL A 124 -2.14 8.55 8.15
C VAL A 124 -1.66 7.24 8.75
N TYR A 125 -0.84 6.50 8.01
CA TYR A 125 -0.18 5.31 8.51
C TYR A 125 1.29 5.59 8.77
N LYS A 126 1.88 4.81 9.66
CA LYS A 126 3.34 4.84 9.82
C LYS A 126 3.93 3.45 9.57
N MET A 127 5.06 3.43 8.86
CA MET A 127 5.75 2.18 8.53
C MET A 127 6.07 1.42 9.79
N ALA A 128 5.83 0.12 9.79
CA ALA A 128 6.04 -0.69 10.99
C ALA A 128 6.96 -1.88 10.74
N SER A 129 6.83 -2.50 9.58
CA SER A 129 7.48 -3.80 9.38
C SER A 129 7.81 -4.03 7.91
N ILE A 130 8.89 -4.76 7.63
CA ILE A 130 9.25 -5.03 6.25
C ILE A 130 9.66 -6.50 6.03
N LEU A 131 9.19 -7.06 4.92
CA LEU A 131 9.57 -8.38 4.45
C LEU A 131 10.22 -8.16 3.10
N PRO A 132 11.56 -8.11 3.06
CA PRO A 132 12.23 -7.69 1.82
C PRO A 132 12.13 -8.69 0.67
N VAL A 133 12.04 -9.99 0.96
CA VAL A 133 11.94 -10.98 -0.12
C VAL A 133 10.96 -12.10 0.24
N THR A 134 10.00 -12.37 -0.65
CA THR A 134 9.07 -13.49 -0.46
C THR A 134 8.54 -14.00 -1.81
N SER A 135 7.99 -15.20 -1.79
CA SER A 135 7.40 -15.80 -2.97
C SER A 135 6.18 -15.01 -3.41
N PRO A 136 6.01 -14.82 -4.73
CA PRO A 136 4.83 -14.16 -5.29
C PRO A 136 3.52 -14.88 -4.96
N SER A 137 3.61 -16.15 -4.54
CA SER A 137 2.42 -16.91 -4.16
C SER A 137 2.02 -16.69 -2.71
N ASN A 138 2.80 -15.91 -1.98
CA ASN A 138 2.55 -15.70 -0.56
C ASN A 138 1.50 -14.63 -0.32
N VAL A 139 0.23 -14.96 -0.59
CA VAL A 139 -0.83 -13.96 -0.48
C VAL A 139 -1.24 -13.67 0.97
N SER A 140 -0.79 -14.48 1.91
N SER A 140 -0.78 -14.48 1.91
CA SER A 140 -1.20 -14.30 3.31
CA SER A 140 -1.16 -14.33 3.31
C SER A 140 -0.69 -12.98 3.89
C SER A 140 -0.71 -12.97 3.88
N VAL A 141 0.22 -12.31 3.19
CA VAL A 141 0.68 -10.99 3.63
C VAL A 141 -0.43 -9.94 3.44
N LEU A 142 -1.53 -10.33 2.79
CA LEU A 142 -2.70 -9.47 2.61
C LEU A 142 -3.87 -9.85 3.52
N ASP A 143 -3.65 -10.79 4.44
CA ASP A 143 -4.68 -11.22 5.40
C ASP A 143 -5.08 -10.04 6.30
N PRO A 144 -6.30 -10.06 6.87
CA PRO A 144 -6.69 -8.96 7.75
C PRO A 144 -5.66 -8.67 8.85
N VAL A 145 -5.08 -9.73 9.43
CA VAL A 145 -3.89 -9.59 10.29
C VAL A 145 -2.76 -10.26 9.53
N PRO A 146 -1.97 -9.45 8.80
CA PRO A 146 -1.04 -9.97 7.78
C PRO A 146 0.00 -10.91 8.35
N LYS A 147 0.13 -12.07 7.72
CA LYS A 147 1.11 -13.06 8.15
C LYS A 147 2.50 -12.50 7.96
N GLN A 148 3.39 -12.82 8.89
CA GLN A 148 4.80 -12.43 8.84
C GLN A 148 5.06 -10.95 9.17
N SER A 149 3.99 -10.19 9.44
CA SER A 149 4.14 -8.78 9.77
C SER A 149 4.61 -8.55 11.21
N GLY A 150 4.33 -9.53 12.09
CA GLY A 150 4.57 -9.36 13.51
C GLY A 150 3.41 -8.68 14.25
N PHE A 151 2.36 -8.31 13.53
CA PHE A 151 1.17 -7.74 14.17
C PHE A 151 0.46 -8.83 14.95
N LYS A 152 0.05 -8.54 16.18
CA LYS A 152 -0.41 -9.57 17.11
C LYS A 152 -1.91 -9.84 17.04
N GLY A 153 -2.68 -8.85 16.60
CA GLY A 153 -4.13 -9.00 16.57
C GLY A 153 -4.76 -8.04 15.61
N PRO A 154 -6.09 -7.89 15.68
CA PRO A 154 -6.76 -6.96 14.77
C PRO A 154 -6.33 -5.50 14.96
N GLY A 155 -6.10 -4.81 13.86
CA GLY A 155 -5.87 -3.39 13.88
C GLY A 155 -6.19 -2.81 12.52
N ARG A 156 -5.75 -1.58 12.27
CA ARG A 156 -5.96 -0.93 10.97
C ARG A 156 -4.62 -0.80 10.25
N TYR A 157 -4.42 -1.63 9.25
CA TYR A 157 -3.13 -1.74 8.59
C TYR A 157 -3.13 -1.40 7.12
N ILE A 158 -1.93 -1.21 6.60
CA ILE A 158 -1.72 -1.04 5.18
C ILE A 158 -0.59 -1.95 4.75
N THR A 159 -0.72 -2.51 3.55
CA THR A 159 0.30 -3.38 2.99
C THR A 159 0.69 -2.88 1.61
N LEU A 160 1.98 -2.65 1.40
CA LEU A 160 2.48 -2.28 0.07
C LEU A 160 3.28 -3.44 -0.52
N THR A 161 2.94 -3.83 -1.75
CA THR A 161 3.65 -4.96 -2.39
C THR A 161 4.27 -4.53 -3.72
N THR A 162 5.49 -4.97 -4.00
CA THR A 162 6.11 -4.67 -5.29
C THR A 162 7.06 -5.81 -5.65
N CYS A 163 7.68 -5.74 -6.82
CA CYS A 163 8.60 -6.80 -7.24
C CYS A 163 10.03 -6.57 -6.75
N THR A 164 10.78 -7.66 -6.61
CA THR A 164 12.19 -7.59 -6.25
C THR A 164 12.88 -8.85 -6.74
N PRO A 165 14.16 -8.75 -7.16
CA PRO A 165 14.98 -7.54 -7.23
C PRO A 165 14.53 -6.62 -8.36
N GLU A 166 15.20 -5.49 -8.53
CA GLU A 166 14.78 -4.51 -9.52
C GLU A 166 14.87 -5.08 -10.94
N PHE A 167 13.97 -4.64 -11.79
CA PHE A 167 13.92 -5.06 -13.19
C PHE A 167 13.58 -6.54 -13.36
N THR A 168 13.17 -7.19 -12.28
CA THR A 168 12.67 -8.56 -12.35
C THR A 168 11.30 -8.68 -11.67
N SER A 169 10.69 -9.86 -11.77
CA SER A 169 9.44 -10.14 -11.06
C SER A 169 9.57 -11.46 -10.32
N LYS A 170 10.81 -11.78 -9.96
CA LYS A 170 11.16 -13.07 -9.37
C LYS A 170 10.54 -13.23 -8.00
N TYR A 171 10.74 -12.25 -7.13
CA TYR A 171 10.19 -12.28 -5.80
C TYR A 171 9.33 -11.05 -5.56
N ARG A 172 8.77 -10.96 -4.35
CA ARG A 172 8.04 -9.77 -3.96
C ARG A 172 8.62 -9.17 -2.69
N MET A 173 8.48 -7.85 -2.56
CA MET A 173 8.89 -7.14 -1.34
CA MET A 173 8.90 -7.11 -1.36
C MET A 173 7.65 -6.51 -0.72
N ILE A 174 7.51 -6.68 0.58
CA ILE A 174 6.31 -6.24 1.30
C ILE A 174 6.66 -5.24 2.41
N VAL A 175 5.95 -4.11 2.44
CA VAL A 175 6.11 -3.15 3.53
C VAL A 175 4.75 -2.94 4.22
N TRP A 176 4.71 -3.03 5.56
CA TRP A 176 3.47 -2.83 6.35
C TRP A 176 3.52 -1.58 7.23
N GLY A 177 2.36 -0.95 7.39
CA GLY A 177 2.21 0.19 8.28
C GLY A 177 0.97 0.05 9.16
N LYS A 178 0.87 0.93 10.17
CA LYS A 178 -0.27 0.94 11.10
C LYS A 178 -0.87 2.33 11.17
N MET A 179 -2.19 2.43 11.22
CA MET A 179 -2.83 3.74 11.21
C MET A 179 -2.59 4.51 12.49
N VAL A 180 -2.30 5.80 12.38
CA VAL A 180 -2.10 6.62 13.57
C VAL A 180 -3.05 7.81 13.63
N GLU A 181 -3.66 8.17 12.50
CA GLU A 181 -4.61 9.30 12.45
C GLU A 181 -5.66 9.11 11.36
N GLU A 182 -6.91 9.35 11.72
CA GLU A 182 -7.98 9.42 10.74
C GLU A 182 -8.49 10.85 10.80
N ARG A 183 -8.24 11.62 9.76
CA ARG A 183 -8.44 13.06 9.79
C ARG A 183 -9.44 13.56 8.74
N PRO A 184 -10.53 14.18 9.20
CA PRO A 184 -11.53 14.76 8.28
C PRO A 184 -10.90 15.80 7.39
N ARG A 185 -11.28 15.80 6.12
CA ARG A 185 -10.72 16.71 5.15
C ARG A 185 -10.91 18.17 5.57
N SER A 186 -11.98 18.42 6.32
CA SER A 186 -12.30 19.76 6.76
C SER A 186 -11.28 20.31 7.74
N LYS A 187 -10.40 19.43 8.23
CA LYS A 187 -9.35 19.84 9.16
C LYS A 187 -8.03 20.16 8.44
N GLY A 188 -8.03 20.08 7.12
CA GLY A 188 -6.82 20.34 6.35
C GLY A 188 -5.84 19.18 6.36
N LYS A 189 -4.68 19.38 5.74
CA LYS A 189 -3.67 18.34 5.65
C LYS A 189 -3.15 17.95 7.03
N PRO A 190 -2.84 16.65 7.21
CA PRO A 190 -2.15 16.22 8.43
C PRO A 190 -0.70 16.73 8.44
N ASP A 191 -0.08 16.74 9.61
CA ASP A 191 1.31 17.18 9.74
C ASP A 191 2.23 16.52 8.73
N ALA A 192 1.98 15.25 8.46
CA ALA A 192 2.84 14.45 7.58
C ALA A 192 2.97 15.04 6.16
N LEU A 193 1.97 15.79 5.72
CA LEU A 193 1.99 16.34 4.37
C LEU A 193 2.45 17.79 4.30
N VAL A 194 2.97 18.32 5.41
CA VAL A 194 3.41 19.71 5.40
C VAL A 194 4.88 19.84 5.76
C1 GOL B . -8.17 12.78 -7.65
O1 GOL B . -9.54 13.06 -7.74
C2 GOL B . -7.96 11.27 -7.71
O2 GOL B . -9.21 10.63 -7.75
C3 GOL B . -7.14 10.89 -8.94
O3 GOL B . -7.28 9.52 -9.19
H11 GOL B . -7.63 13.25 -8.48
H12 GOL B . -7.76 13.18 -6.71
HO1 GOL B . -9.69 14.02 -7.65
H2 GOL B . -7.42 10.96 -6.81
HO2 GOL B . -9.70 10.90 -8.56
H31 GOL B . -7.49 11.46 -9.80
H32 GOL B . -6.09 11.13 -8.76
HO3 GOL B . -7.45 9.05 -8.34
#